data_5THL
#
_entry.id   5THL
#
_cell.length_a   73.846
_cell.length_b   162.954
_cell.length_c   35.492
_cell.angle_alpha   90.000
_cell.angle_beta   90.000
_cell.angle_gamma   90.000
#
_symmetry.space_group_name_H-M   'P 21 21 2'
#
loop_
_entity.id
_entity.type
_entity.pdbx_description
1 polymer 'Tyrosine--tRNA ligase, cytoplasmic'
2 water water
#
_entity_poly.entity_id   1
_entity_poly.type   'polypeptide(L)'
_entity_poly.pdbx_seq_one_letter_code
;MGDAPSPEEKLHLITRNLQEVLGEEKLKEILKERELKIYWRTATTGKPHVAYFVPMSKIADFLKAGCEVTILFADLHAYL
DNMKAPWELLELRVSYYENVIKAMLESIGVPLEKLKFIKGTDYQLSKEYTLDVYRLSSVVTQHDSKKAGAEVVKQVEHPL
LSGLLYPGLQALDEEYLKVDAQFGGIDQRKIFTFAEKYLPALGYSKRVHLMNPMVPGLTGSKMSSSEEESKIDLLDRKED
VKKKLKKAFCEPGNVENNGVLSFIKHVLFPLKSEFVILRDEKWGGNKTYTAYVDLEKDFAAEVVHPGDLKNSVEVALNKL
LDPIREKFNTPALKKLASAAYPDPSKQKPMAKGPAKNSEPEEVILEHHHHHH
;
_entity_poly.pdbx_strand_id   A
#
# COMPACT_ATOMS: atom_id res chain seq x y z
N ALA A 4 4.34 22.67 11.34
CA ALA A 4 5.12 21.50 11.77
C ALA A 4 4.34 20.69 12.80
N PRO A 5 4.06 19.41 12.47
CA PRO A 5 3.24 18.58 13.36
C PRO A 5 3.92 18.22 14.68
N SER A 6 3.11 18.19 15.73
CA SER A 6 3.55 17.73 17.05
C SER A 6 3.70 16.21 17.01
N PRO A 7 4.36 15.64 18.02
CA PRO A 7 4.48 14.18 18.04
C PRO A 7 3.12 13.49 18.03
N GLU A 8 2.14 14.06 18.72
CA GLU A 8 0.79 13.51 18.74
C GLU A 8 0.13 13.58 17.36
N GLU A 9 0.32 14.71 16.69
CA GLU A 9 -0.21 14.84 15.33
C GLU A 9 0.47 13.88 14.36
N LYS A 10 1.79 13.72 14.49
CA LYS A 10 2.48 12.73 13.67
C LYS A 10 1.93 11.34 13.93
N LEU A 11 1.75 11.00 15.20
CA LEU A 11 1.28 9.65 15.54
C LEU A 11 -0.08 9.41 14.90
N HIS A 12 -0.94 10.43 14.92
CA HIS A 12 -2.25 10.31 14.33
C HIS A 12 -2.19 10.12 12.81
N LEU A 13 -1.36 10.91 12.13
CA LEU A 13 -1.20 10.75 10.70
C LEU A 13 -0.67 9.36 10.37
N ILE A 14 0.34 8.91 11.11
CA ILE A 14 0.95 7.63 10.86
C ILE A 14 -0.02 6.47 11.07
N THR A 15 -0.81 6.53 12.14
CA THR A 15 -1.59 5.36 12.53
C THR A 15 -3.06 5.40 12.13
N ARG A 16 -3.56 6.53 11.66
CA ARG A 16 -4.98 6.57 11.29
C ARG A 16 -5.33 5.56 10.19
N ASN A 17 -6.51 4.96 10.32
CA ASN A 17 -7.01 3.94 9.38
C ASN A 17 -6.31 2.57 9.45
N LEU A 18 -5.22 2.45 10.21
CA LEU A 18 -4.56 1.16 10.36
C LEU A 18 -5.45 0.17 11.12
N GLN A 19 -5.32 -1.11 10.79
CA GLN A 19 -5.99 -2.14 11.58
C GLN A 19 -5.24 -2.45 12.87
N GLU A 20 -3.91 -2.43 12.83
CA GLU A 20 -3.15 -2.74 14.04
C GLU A 20 -1.76 -2.13 14.03
N VAL A 21 -1.31 -1.75 15.23
CA VAL A 21 0.05 -1.27 15.45
C VAL A 21 0.73 -2.19 16.44
N LEU A 22 1.91 -2.68 16.09
CA LEU A 22 2.78 -3.40 17.02
C LEU A 22 3.94 -2.47 17.32
N GLY A 23 4.23 -2.27 18.61
CA GLY A 23 5.38 -1.46 19.00
C GLY A 23 5.05 -0.01 19.33
N GLU A 24 3.85 0.25 19.83
CA GLU A 24 3.47 1.62 20.22
C GLU A 24 4.49 2.28 21.15
N GLU A 25 5.07 1.52 22.08
CA GLU A 25 5.99 2.13 23.05
C GLU A 25 7.18 2.77 22.33
N LYS A 26 7.82 1.99 21.48
CA LYS A 26 8.99 2.48 20.74
C LYS A 26 8.59 3.58 19.76
N LEU A 27 7.45 3.40 19.11
CA LEU A 27 6.93 4.40 18.17
C LEU A 27 6.83 5.78 18.86
N LYS A 28 6.24 5.81 20.04
CA LYS A 28 6.11 7.09 20.75
C LYS A 28 7.46 7.64 21.19
N GLU A 29 8.36 6.76 21.62
CA GLU A 29 9.70 7.19 22.04
C GLU A 29 10.41 7.87 20.88
N ILE A 30 10.29 7.28 19.71
CA ILE A 30 10.97 7.84 18.53
C ILE A 30 10.36 9.20 18.19
N LEU A 31 9.05 9.29 18.15
CA LEU A 31 8.41 10.53 17.72
C LEU A 31 8.62 11.69 18.69
N LYS A 32 9.00 11.40 19.93
CA LYS A 32 9.33 12.46 20.88
C LYS A 32 10.63 13.19 20.47
N GLU A 33 11.46 12.51 19.68
CA GLU A 33 12.82 13.00 19.41
C GLU A 33 13.12 13.31 17.95
N ARG A 34 12.56 12.54 17.03
CA ARG A 34 13.00 12.60 15.64
C ARG A 34 11.96 12.03 14.68
N GLU A 35 12.30 12.01 13.39
CA GLU A 35 11.37 11.48 12.40
C GLU A 35 11.47 9.96 12.35
N LEU A 36 10.33 9.32 12.12
CA LEU A 36 10.27 7.88 11.97
C LEU A 36 10.70 7.45 10.56
N LYS A 37 11.45 6.36 10.50
CA LYS A 37 11.87 5.78 9.23
C LYS A 37 11.07 4.51 8.96
N ILE A 38 10.38 4.47 7.80
CA ILE A 38 9.45 3.40 7.48
C ILE A 38 9.78 2.71 6.16
N TYR A 39 9.72 1.38 6.16
CA TYR A 39 9.91 0.56 4.97
C TYR A 39 8.55 0.02 4.52
N TRP A 40 8.27 0.09 3.22
CA TRP A 40 7.12 -0.60 2.62
C TRP A 40 7.62 -1.38 1.41
N ARG A 41 7.20 -2.64 1.29
CA ARG A 41 7.63 -3.50 0.20
C ARG A 41 6.51 -3.64 -0.82
N THR A 42 6.86 -3.53 -2.10
CA THR A 42 5.89 -3.82 -3.14
C THR A 42 6.45 -4.83 -4.16
N ALA A 43 5.64 -5.81 -4.53
CA ALA A 43 5.97 -6.69 -5.65
C ALA A 43 5.85 -5.86 -6.92
N THR A 44 6.49 -6.34 -7.99
CA THR A 44 6.49 -5.61 -9.25
C THR A 44 5.96 -6.49 -10.37
N THR A 45 5.17 -7.50 -10.01
CA THR A 45 4.72 -8.51 -10.96
C THR A 45 3.36 -8.24 -11.62
N GLY A 46 2.49 -7.54 -10.93
CA GLY A 46 1.15 -7.32 -11.47
C GLY A 46 1.05 -6.06 -12.31
N LYS A 47 -0.17 -5.55 -12.41
CA LYS A 47 -0.43 -4.23 -12.97
C LYS A 47 -1.35 -3.51 -12.00
N PRO A 48 -0.84 -2.47 -11.34
CA PRO A 48 -1.59 -1.80 -10.27
C PRO A 48 -2.92 -1.23 -10.75
N HIS A 49 -3.98 -1.48 -9.98
CA HIS A 49 -5.26 -0.87 -10.26
C HIS A 49 -5.59 0.08 -9.12
N VAL A 50 -6.81 0.61 -9.08
CA VAL A 50 -7.09 1.67 -8.10
C VAL A 50 -6.95 1.23 -6.64
N ALA A 51 -7.02 -0.07 -6.38
CA ALA A 51 -6.84 -0.55 -5.02
C ALA A 51 -5.45 -0.19 -4.49
N TYR A 52 -4.51 0.06 -5.39
CA TYR A 52 -3.15 0.41 -5.00
C TYR A 52 -3.14 1.74 -4.23
N PHE A 53 -4.17 2.55 -4.40
CA PHE A 53 -4.28 3.81 -3.64
C PHE A 53 -4.45 3.55 -2.13
N VAL A 54 -4.84 2.34 -1.74
CA VAL A 54 -5.02 2.09 -0.31
C VAL A 54 -3.67 2.13 0.44
N PRO A 55 -2.69 1.30 0.04
CA PRO A 55 -1.38 1.50 0.68
C PRO A 55 -0.79 2.86 0.38
N MET A 56 -0.99 3.36 -0.84
CA MET A 56 -0.40 4.64 -1.20
C MET A 56 -0.90 5.79 -0.35
N SER A 57 -2.13 5.69 0.14
CA SER A 57 -2.67 6.74 0.99
C SER A 57 -1.97 6.78 2.34
N LYS A 58 -1.53 5.61 2.83
CA LYS A 58 -0.75 5.58 4.06
C LYS A 58 0.67 6.07 3.81
N ILE A 59 1.23 5.72 2.65
CA ILE A 59 2.55 6.24 2.30
C ILE A 59 2.49 7.77 2.30
N ALA A 60 1.42 8.32 1.75
CA ALA A 60 1.24 9.76 1.73
C ALA A 60 1.15 10.33 3.15
N ASP A 61 0.38 9.68 4.02
CA ASP A 61 0.30 10.11 5.42
C ASP A 61 1.68 10.12 6.07
N PHE A 62 2.46 9.07 5.82
CA PHE A 62 3.79 8.97 6.42
C PHE A 62 4.63 10.17 5.98
N LEU A 63 4.61 10.46 4.68
CA LEU A 63 5.37 11.58 4.14
C LEU A 63 4.90 12.92 4.72
N LYS A 64 3.57 13.08 4.81
CA LYS A 64 3.02 14.31 5.39
C LYS A 64 3.46 14.52 6.83
N ALA A 65 3.61 13.41 7.56
CA ALA A 65 4.02 13.45 8.96
C ALA A 65 5.52 13.71 9.13
N GLY A 66 6.25 13.77 8.03
CA GLY A 66 7.69 14.01 8.11
C GLY A 66 8.56 12.77 8.12
N CYS A 67 7.93 11.60 7.96
CA CYS A 67 8.69 10.36 7.96
C CYS A 67 9.62 10.21 6.76
N GLU A 68 10.70 9.45 6.95
CA GLU A 68 11.51 9.00 5.83
C GLU A 68 10.89 7.67 5.38
N VAL A 69 10.52 7.58 4.11
CA VAL A 69 9.89 6.36 3.62
C VAL A 69 10.74 5.69 2.54
N THR A 70 11.06 4.42 2.76
CA THR A 70 11.78 3.64 1.77
C THR A 70 10.83 2.62 1.16
N ILE A 71 10.64 2.70 -0.15
CA ILE A 71 9.87 1.69 -0.85
C ILE A 71 10.82 0.70 -1.53
N LEU A 72 10.68 -0.58 -1.18
CA LEU A 72 11.45 -1.64 -1.81
C LEU A 72 10.68 -2.24 -2.98
N PHE A 73 11.29 -2.24 -4.16
CA PHE A 73 10.71 -2.88 -5.33
C PHE A 73 11.33 -4.25 -5.43
N ALA A 74 10.51 -5.28 -5.20
CA ALA A 74 11.01 -6.65 -5.03
C ALA A 74 11.34 -7.34 -6.35
N ASP A 75 12.34 -6.80 -7.06
CA ASP A 75 12.68 -7.30 -8.39
C ASP A 75 13.34 -8.69 -8.38
N LEU A 76 14.04 -9.01 -7.29
CA LEU A 76 14.63 -10.35 -7.19
C LEU A 76 13.53 -11.41 -7.14
N HIS A 77 12.52 -11.17 -6.30
CA HIS A 77 11.40 -12.10 -6.18
C HIS A 77 10.63 -12.20 -7.49
N ALA A 78 10.48 -11.07 -8.18
CA ALA A 78 9.78 -11.07 -9.46
C ALA A 78 10.49 -11.99 -10.45
N TYR A 79 11.82 -11.93 -10.46
CA TYR A 79 12.61 -12.83 -11.31
C TYR A 79 12.47 -14.29 -10.89
N LEU A 80 12.59 -14.54 -9.59
CA LEU A 80 12.56 -15.92 -9.09
C LEU A 80 11.21 -16.60 -9.32
N ASP A 81 10.15 -15.80 -9.35
CA ASP A 81 8.81 -16.32 -9.54
C ASP A 81 8.49 -16.65 -11.01
N ASN A 82 9.28 -16.10 -11.93
CA ASN A 82 9.24 -16.56 -13.32
C ASN A 82 10.57 -16.32 -14.04
N MET A 83 11.48 -17.27 -13.91
CA MET A 83 12.84 -17.09 -14.41
C MET A 83 12.95 -17.14 -15.94
N LYS A 84 11.86 -17.50 -16.60
CA LYS A 84 11.81 -17.48 -18.05
C LYS A 84 11.76 -16.03 -18.55
N ALA A 85 11.11 -15.17 -17.78
CA ALA A 85 11.00 -13.76 -18.13
C ALA A 85 12.37 -13.07 -18.14
N PRO A 86 12.64 -12.29 -19.19
CA PRO A 86 13.91 -11.59 -19.37
C PRO A 86 14.11 -10.45 -18.37
N TRP A 87 15.35 -10.22 -17.93
CA TRP A 87 15.64 -9.22 -16.90
C TRP A 87 15.21 -7.81 -17.31
N GLU A 88 15.03 -7.59 -18.60
CA GLU A 88 14.75 -6.26 -19.12
C GLU A 88 13.25 -5.92 -19.08
N LEU A 89 12.41 -6.92 -19.33
CA LEU A 89 10.97 -6.76 -19.20
C LEU A 89 10.60 -6.61 -17.72
N LEU A 90 11.28 -7.39 -16.88
CA LEU A 90 11.11 -7.30 -15.44
C LEU A 90 11.48 -5.91 -14.96
N GLU A 91 12.58 -5.38 -15.47
CA GLU A 91 13.04 -4.07 -15.04
C GLU A 91 12.17 -2.96 -15.66
N LEU A 92 11.54 -3.26 -16.79
CA LEU A 92 10.58 -2.33 -17.38
C LEU A 92 9.39 -2.18 -16.44
N ARG A 93 8.94 -3.31 -15.88
CA ARG A 93 7.84 -3.27 -14.93
C ARG A 93 8.24 -2.57 -13.63
N VAL A 94 9.48 -2.76 -13.22
CA VAL A 94 9.97 -2.02 -12.06
C VAL A 94 9.87 -0.52 -12.34
N SER A 95 10.31 -0.11 -13.52
CA SER A 95 10.25 1.28 -13.90
C SER A 95 8.82 1.79 -13.96
N TYR A 96 7.91 0.97 -14.47
CA TYR A 96 6.49 1.34 -14.49
C TYR A 96 5.98 1.59 -13.06
N TYR A 97 6.29 0.66 -12.15
CA TYR A 97 5.87 0.84 -10.76
C TYR A 97 6.46 2.09 -10.13
N GLU A 98 7.75 2.34 -10.35
CA GLU A 98 8.37 3.52 -9.77
C GLU A 98 7.69 4.78 -10.28
N ASN A 99 7.44 4.84 -11.58
CA ASN A 99 6.80 6.01 -12.16
C ASN A 99 5.34 6.19 -11.76
N VAL A 100 4.61 5.08 -11.63
CA VAL A 100 3.20 5.22 -11.24
C VAL A 100 3.09 5.63 -9.76
N ILE A 101 3.94 5.07 -8.91
CA ILE A 101 3.97 5.49 -7.50
C ILE A 101 4.28 7.00 -7.37
N LYS A 102 5.28 7.48 -8.09
CA LYS A 102 5.61 8.89 -8.06
C LYS A 102 4.41 9.72 -8.50
N ALA A 103 3.77 9.33 -9.60
CA ALA A 103 2.61 10.06 -10.12
C ALA A 103 1.43 10.05 -9.13
N MET A 104 1.21 8.90 -8.48
CA MET A 104 0.14 8.81 -7.49
C MET A 104 0.36 9.74 -6.31
N LEU A 105 1.59 9.78 -5.81
CA LEU A 105 1.89 10.61 -4.65
C LEU A 105 1.87 12.09 -5.03
N GLU A 106 2.31 12.40 -6.25
CA GLU A 106 2.22 13.78 -6.74
C GLU A 106 0.76 14.22 -6.83
N SER A 107 -0.10 13.31 -7.26
CA SER A 107 -1.52 13.63 -7.38
C SER A 107 -2.18 13.84 -6.02
N ILE A 108 -1.85 12.97 -5.07
CA ILE A 108 -2.34 13.12 -3.69
C ILE A 108 -1.86 14.46 -3.12
N GLY A 109 -0.62 14.83 -3.43
CA GLY A 109 -0.08 16.13 -3.06
C GLY A 109 0.77 16.11 -1.81
N VAL A 110 1.85 15.33 -1.83
CA VAL A 110 2.74 15.27 -0.69
C VAL A 110 4.19 15.51 -1.09
N PRO A 111 5.00 15.99 -0.14
CA PRO A 111 6.41 16.21 -0.41
C PRO A 111 7.18 14.90 -0.54
N LEU A 112 8.03 14.81 -1.55
CA LEU A 112 8.75 13.58 -1.85
C LEU A 112 10.22 13.60 -1.46
N GLU A 113 10.67 14.65 -0.79
CA GLU A 113 12.09 14.75 -0.45
C GLU A 113 12.61 13.57 0.35
N LYS A 114 11.75 13.02 1.22
CA LYS A 114 12.18 11.93 2.07
C LYS A 114 11.69 10.57 1.59
N LEU A 115 11.28 10.50 0.33
CA LEU A 115 10.91 9.24 -0.28
C LEU A 115 12.11 8.66 -1.00
N LYS A 116 12.41 7.40 -0.72
CA LYS A 116 13.52 6.71 -1.37
C LYS A 116 13.01 5.44 -2.04
N PHE A 117 13.44 5.21 -3.28
CA PHE A 117 13.16 3.96 -3.98
C PHE A 117 14.42 3.11 -3.98
N ILE A 118 14.27 1.83 -3.66
CA ILE A 118 15.38 0.89 -3.75
C ILE A 118 14.90 -0.42 -4.38
N LYS A 119 15.77 -1.06 -5.17
CA LYS A 119 15.46 -2.38 -5.72
C LYS A 119 16.07 -3.48 -4.86
N GLY A 120 15.35 -4.60 -4.74
CA GLY A 120 15.87 -5.74 -4.01
C GLY A 120 17.26 -6.13 -4.50
N THR A 121 17.46 -6.18 -5.80
CA THR A 121 18.76 -6.58 -6.35
C THR A 121 19.89 -5.60 -5.99
N ASP A 122 19.54 -4.41 -5.50
CA ASP A 122 20.56 -3.46 -5.07
C ASP A 122 21.38 -3.97 -3.89
N TYR A 123 20.83 -4.87 -3.07
CA TYR A 123 21.55 -5.32 -1.87
C TYR A 123 21.23 -6.76 -1.43
N GLN A 124 20.16 -7.37 -1.96
CA GLN A 124 19.74 -8.68 -1.48
C GLN A 124 20.64 -9.83 -1.96
N LEU A 125 21.62 -9.49 -2.81
CA LEU A 125 22.61 -10.46 -3.25
C LEU A 125 24.00 -10.11 -2.74
N SER A 126 24.06 -9.11 -1.87
CA SER A 126 25.34 -8.66 -1.32
C SER A 126 25.89 -9.61 -0.24
N LYS A 127 27.19 -9.52 0.02
CA LYS A 127 27.87 -10.48 0.89
C LYS A 127 27.37 -10.49 2.34
N GLU A 128 27.30 -9.30 2.96
CA GLU A 128 26.91 -9.22 4.37
C GLU A 128 25.46 -9.69 4.55
N TYR A 129 24.60 -9.24 3.66
CA TYR A 129 23.19 -9.61 3.71
C TYR A 129 23.03 -11.12 3.55
N THR A 130 23.78 -11.69 2.61
CA THR A 130 23.70 -13.12 2.37
C THR A 130 24.18 -13.93 3.57
N LEU A 131 25.27 -13.50 4.19
CA LEU A 131 25.74 -14.16 5.41
C LEU A 131 24.65 -14.12 6.47
N ASP A 132 23.93 -13.00 6.55
CA ASP A 132 22.84 -12.91 7.51
C ASP A 132 21.68 -13.85 7.17
N VAL A 133 21.41 -14.03 5.87
CA VAL A 133 20.39 -14.99 5.46
C VAL A 133 20.77 -16.38 5.96
N TYR A 134 22.05 -16.72 5.80
CA TYR A 134 22.54 -18.01 6.29
C TYR A 134 22.49 -18.11 7.82
N ARG A 135 22.86 -17.04 8.53
CA ARG A 135 22.78 -17.04 9.98
C ARG A 135 21.35 -17.28 10.42
N LEU A 136 20.43 -16.55 9.81
CA LEU A 136 19.02 -16.71 10.12
C LEU A 136 18.56 -18.15 9.87
N SER A 137 19.01 -18.75 8.77
CA SER A 137 18.60 -20.10 8.44
C SER A 137 19.12 -21.08 9.49
N SER A 138 20.14 -20.67 10.21
CA SER A 138 20.75 -21.53 11.23
C SER A 138 20.07 -21.40 12.58
N VAL A 139 19.12 -20.47 12.69
CA VAL A 139 18.37 -20.33 13.94
C VAL A 139 16.87 -20.56 13.74
N VAL A 140 16.41 -20.38 12.50
CA VAL A 140 15.00 -20.55 12.20
C VAL A 140 14.66 -22.00 11.85
N THR A 141 13.66 -22.56 12.50
CA THR A 141 13.22 -23.90 12.16
C THR A 141 12.43 -23.89 10.86
N GLN A 142 12.45 -25.01 10.15
CA GLN A 142 11.65 -25.14 8.94
C GLN A 142 10.17 -24.91 9.27
N HIS A 143 9.76 -25.37 10.44
CA HIS A 143 8.37 -25.20 10.88
C HIS A 143 7.97 -23.73 10.96
N ASP A 144 8.82 -22.92 11.60
CA ASP A 144 8.52 -21.50 11.76
C ASP A 144 8.56 -20.77 10.44
N SER A 145 9.47 -21.17 9.57
CA SER A 145 9.59 -20.57 8.24
C SER A 145 8.31 -20.80 7.46
N LYS A 146 7.78 -22.01 7.54
CA LYS A 146 6.57 -22.34 6.81
C LYS A 146 5.38 -21.58 7.38
N LYS A 147 5.26 -21.56 8.70
CA LYS A 147 4.15 -20.89 9.38
C LYS A 147 4.12 -19.40 9.06
N ALA A 148 5.29 -18.77 9.04
CA ALA A 148 5.37 -17.32 8.84
C ALA A 148 4.82 -16.89 7.49
N GLY A 149 4.96 -17.74 6.46
CA GLY A 149 4.52 -17.38 5.13
C GLY A 149 3.16 -17.96 4.74
N ALA A 150 2.47 -18.55 5.71
CA ALA A 150 1.24 -19.29 5.45
C ALA A 150 0.17 -18.48 4.69
N GLU A 151 0.12 -17.18 4.92
CA GLU A 151 -0.90 -16.34 4.30
C GLU A 151 -0.33 -15.58 3.10
N VAL A 152 1.00 -15.53 3.02
CA VAL A 152 1.67 -14.69 2.04
C VAL A 152 2.28 -15.47 0.87
N VAL A 153 2.76 -16.67 1.14
CA VAL A 153 3.37 -17.49 0.09
C VAL A 153 2.34 -18.30 -0.68
N LYS A 154 2.43 -18.25 -2.01
CA LYS A 154 1.55 -19.02 -2.87
C LYS A 154 1.43 -20.48 -2.44
N GLN A 155 0.21 -20.88 -2.08
CA GLN A 155 -0.08 -22.28 -1.79
C GLN A 155 0.07 -23.08 -3.07
N VAL A 156 0.89 -24.13 -3.03
CA VAL A 156 1.19 -24.85 -4.26
C VAL A 156 1.28 -26.38 -4.10
N GLU A 157 1.12 -27.06 -5.23
CA GLU A 157 1.27 -28.50 -5.35
C GLU A 157 2.33 -29.05 -4.39
N HIS A 158 3.58 -29.00 -4.83
CA HIS A 158 4.71 -29.34 -3.96
C HIS A 158 5.51 -28.07 -3.70
N PRO A 159 5.41 -27.54 -2.47
CA PRO A 159 6.00 -26.24 -2.13
C PRO A 159 7.50 -26.19 -2.42
N LEU A 160 7.94 -25.04 -2.90
CA LEU A 160 9.34 -24.82 -3.26
C LEU A 160 10.15 -24.29 -2.10
N LEU A 161 11.46 -24.52 -2.14
CA LEU A 161 12.36 -24.06 -1.08
C LEU A 161 12.33 -22.54 -0.92
N SER A 162 12.16 -21.83 -2.03
CA SER A 162 12.17 -20.37 -2.02
C SER A 162 11.16 -19.77 -1.05
N GLY A 163 9.98 -20.37 -0.97
CA GLY A 163 8.94 -19.88 -0.06
C GLY A 163 9.39 -19.84 1.39
N LEU A 164 10.26 -20.77 1.78
CA LEU A 164 10.75 -20.82 3.15
C LEU A 164 11.79 -19.73 3.42
N LEU A 165 12.45 -19.24 2.37
CA LEU A 165 13.48 -18.22 2.52
C LEU A 165 12.87 -16.83 2.60
N TYR A 166 11.70 -16.65 1.99
CA TYR A 166 11.14 -15.30 1.86
C TYR A 166 10.92 -14.52 3.17
N PRO A 167 10.36 -15.18 4.21
CA PRO A 167 10.17 -14.42 5.45
C PRO A 167 11.46 -13.82 6.01
N GLY A 168 12.55 -14.58 5.94
CA GLY A 168 13.80 -14.08 6.46
C GLY A 168 14.37 -12.91 5.69
N LEU A 169 14.24 -12.94 4.37
CA LEU A 169 14.69 -11.81 3.56
C LEU A 169 13.93 -10.54 3.94
N GLN A 170 12.61 -10.67 4.11
CA GLN A 170 11.81 -9.50 4.42
C GLN A 170 12.14 -8.94 5.82
N ALA A 171 12.46 -9.82 6.76
CA ALA A 171 12.92 -9.39 8.08
C ALA A 171 14.25 -8.63 7.96
N LEU A 172 15.21 -9.24 7.25
CA LEU A 172 16.52 -8.62 7.12
C LEU A 172 16.45 -7.28 6.40
N ASP A 173 15.49 -7.12 5.50
CA ASP A 173 15.27 -5.84 4.84
C ASP A 173 15.13 -4.70 5.86
N GLU A 174 14.47 -4.99 6.97
CA GLU A 174 14.24 -3.96 7.99
C GLU A 174 15.57 -3.43 8.51
N GLU A 175 16.50 -4.35 8.74
CA GLU A 175 17.82 -3.96 9.24
C GLU A 175 18.66 -3.28 8.16
N TYR A 176 18.67 -3.85 6.95
CA TYR A 176 19.53 -3.33 5.89
C TYR A 176 19.08 -2.00 5.31
N LEU A 177 17.78 -1.77 5.32
CA LEU A 177 17.23 -0.47 4.95
C LEU A 177 17.31 0.55 6.09
N LYS A 178 17.76 0.10 7.26
CA LYS A 178 17.98 0.97 8.41
C LYS A 178 16.73 1.76 8.80
N VAL A 179 15.62 1.03 8.94
CA VAL A 179 14.35 1.66 9.32
C VAL A 179 13.95 1.34 10.75
N ASP A 180 12.92 2.05 11.23
CA ASP A 180 12.37 1.87 12.56
C ASP A 180 11.13 1.00 12.54
N ALA A 181 10.54 0.88 11.35
CA ALA A 181 9.20 0.31 11.22
C ALA A 181 9.01 -0.26 9.84
N GLN A 182 8.18 -1.28 9.71
CA GLN A 182 7.73 -1.73 8.39
C GLN A 182 6.20 -1.61 8.34
N PHE A 183 5.68 -1.10 7.23
CA PHE A 183 4.23 -0.97 7.00
C PHE A 183 3.81 -1.99 5.95
N GLY A 184 2.61 -2.55 6.11
CA GLY A 184 2.02 -3.38 5.08
C GLY A 184 0.60 -3.77 5.46
N GLY A 185 0.01 -4.71 4.73
CA GLY A 185 -1.34 -5.15 5.07
C GLY A 185 -1.33 -6.12 6.23
N ILE A 186 -2.48 -6.29 6.87
CA ILE A 186 -2.61 -7.21 8.00
C ILE A 186 -2.34 -8.66 7.56
N ASP A 187 -2.41 -8.93 6.27
CA ASP A 187 -2.05 -10.27 5.79
C ASP A 187 -0.56 -10.57 5.94
N GLN A 188 0.23 -9.54 6.27
CA GLN A 188 1.66 -9.73 6.53
C GLN A 188 1.96 -9.97 8.01
N ARG A 189 0.94 -10.04 8.85
CA ARG A 189 1.17 -10.10 10.29
C ARG A 189 2.14 -11.20 10.73
N LYS A 190 2.02 -12.39 10.16
CA LYS A 190 2.92 -13.48 10.57
C LYS A 190 4.36 -13.27 10.09
N ILE A 191 4.52 -12.56 8.98
CA ILE A 191 5.85 -12.19 8.51
C ILE A 191 6.42 -11.18 9.50
N PHE A 192 5.57 -10.26 9.92
CA PHE A 192 6.02 -9.21 10.84
C PHE A 192 6.37 -9.72 12.22
N THR A 193 5.58 -10.66 12.75
CA THR A 193 5.88 -11.18 14.07
C THR A 193 7.13 -12.04 14.02
N PHE A 194 7.32 -12.74 12.90
CA PHE A 194 8.55 -13.49 12.62
C PHE A 194 9.75 -12.55 12.72
N ALA A 195 9.64 -11.38 12.11
CA ALA A 195 10.75 -10.42 12.14
C ALA A 195 11.04 -9.93 13.55
N GLU A 196 9.98 -9.75 14.34
CA GLU A 196 10.16 -9.25 15.70
C GLU A 196 10.83 -10.31 16.56
N LYS A 197 10.54 -11.56 16.26
CA LYS A 197 11.10 -12.67 17.03
C LYS A 197 12.57 -12.95 16.68
N TYR A 198 12.88 -12.93 15.39
CA TYR A 198 14.17 -13.41 14.92
C TYR A 198 15.27 -12.38 14.70
N LEU A 199 14.92 -11.13 14.43
CA LEU A 199 15.99 -10.14 14.26
C LEU A 199 16.88 -10.06 15.50
N PRO A 200 16.29 -10.12 16.70
CA PRO A 200 17.16 -10.08 17.89
C PRO A 200 18.12 -11.26 17.96
N ALA A 201 17.75 -12.41 17.39
CA ALA A 201 18.67 -13.56 17.35
C ALA A 201 19.97 -13.24 16.63
N LEU A 202 19.94 -12.28 15.71
CA LEU A 202 21.12 -11.88 14.95
C LEU A 202 21.72 -10.60 15.50
N GLY A 203 21.24 -10.16 16.66
CA GLY A 203 21.73 -8.95 17.30
C GLY A 203 21.13 -7.68 16.71
N TYR A 204 20.00 -7.80 16.03
CA TYR A 204 19.36 -6.65 15.41
C TYR A 204 18.07 -6.32 16.17
N SER A 205 17.71 -5.04 16.17
CA SER A 205 16.54 -4.60 16.92
C SER A 205 15.23 -5.05 16.25
N LYS A 206 14.23 -5.38 17.06
CA LYS A 206 12.91 -5.58 16.48
C LYS A 206 12.38 -4.22 16.03
N ARG A 207 11.54 -4.23 15.01
CA ARG A 207 10.96 -3.00 14.47
C ARG A 207 9.50 -2.87 14.87
N VAL A 208 9.02 -1.62 14.81
CA VAL A 208 7.60 -1.33 14.88
C VAL A 208 6.93 -1.88 13.63
N HIS A 209 5.69 -2.37 13.75
CA HIS A 209 4.96 -2.83 12.59
C HIS A 209 3.59 -2.16 12.48
N LEU A 210 3.33 -1.62 11.30
CA LEU A 210 2.10 -0.90 11.04
C LEU A 210 1.31 -1.69 10.00
N MET A 211 0.07 -2.08 10.34
CA MET A 211 -0.69 -2.97 9.46
C MET A 211 -2.04 -2.37 9.07
N ASN A 212 -2.24 -2.20 7.75
CA ASN A 212 -3.50 -1.75 7.16
C ASN A 212 -4.49 -2.91 7.13
N PRO A 213 -5.79 -2.60 7.12
CA PRO A 213 -6.75 -3.69 6.92
C PRO A 213 -6.68 -4.18 5.49
N MET A 214 -7.25 -5.36 5.25
CA MET A 214 -7.46 -5.86 3.90
C MET A 214 -8.78 -5.26 3.43
N VAL A 215 -8.68 -4.24 2.61
CA VAL A 215 -9.82 -3.43 2.23
C VAL A 215 -10.52 -4.04 1.01
N PRO A 216 -11.85 -4.21 1.08
CA PRO A 216 -12.58 -4.78 -0.06
C PRO A 216 -12.40 -3.91 -1.30
N GLY A 217 -12.38 -4.52 -2.47
CA GLY A 217 -12.15 -3.80 -3.71
C GLY A 217 -13.30 -2.89 -4.12
N LEU A 218 -12.97 -1.84 -4.85
CA LEU A 218 -13.97 -0.88 -5.28
C LEU A 218 -14.95 -1.54 -6.26
N THR A 219 -14.39 -2.25 -7.23
CA THR A 219 -15.18 -3.06 -8.15
C THR A 219 -14.65 -4.48 -8.12
N GLY A 220 -15.07 -5.31 -9.08
CA GLY A 220 -14.61 -6.68 -9.15
C GLY A 220 -14.95 -7.47 -7.89
N SER A 230 -14.13 -5.35 -15.36
CA SER A 230 -12.97 -5.76 -14.57
C SER A 230 -12.56 -4.69 -13.56
N LYS A 231 -11.28 -4.68 -13.21
CA LYS A 231 -10.75 -3.69 -12.27
C LYS A 231 -10.48 -2.37 -12.98
N ILE A 232 -10.56 -1.28 -12.24
CA ILE A 232 -10.21 0.02 -12.80
C ILE A 232 -8.70 0.18 -12.76
N ASP A 233 -8.09 0.22 -13.94
CA ASP A 233 -6.65 0.45 -14.06
C ASP A 233 -6.33 1.91 -13.77
N LEU A 234 -5.13 2.18 -13.28
CA LEU A 234 -4.74 3.54 -12.95
C LEU A 234 -4.74 4.47 -14.16
N LEU A 235 -4.65 3.88 -15.35
CA LEU A 235 -4.61 4.67 -16.58
C LEU A 235 -5.91 4.55 -17.40
N ASP A 236 -6.92 3.87 -16.85
CA ASP A 236 -8.22 3.79 -17.53
C ASP A 236 -8.78 5.18 -17.87
N ARG A 237 -9.31 5.32 -19.07
CA ARG A 237 -9.97 6.55 -19.48
C ARG A 237 -11.18 6.85 -18.59
N LYS A 238 -11.55 8.13 -18.48
CA LYS A 238 -12.67 8.51 -17.64
C LYS A 238 -13.94 7.74 -18.00
N GLU A 239 -14.13 7.51 -19.30
CA GLU A 239 -15.28 6.76 -19.78
C GLU A 239 -15.36 5.38 -19.15
N ASP A 240 -14.22 4.70 -19.06
CA ASP A 240 -14.19 3.34 -18.52
C ASP A 240 -14.25 3.33 -17.00
N VAL A 241 -13.68 4.36 -16.38
CA VAL A 241 -13.85 4.56 -14.94
C VAL A 241 -15.34 4.68 -14.61
N LYS A 242 -16.03 5.55 -15.34
CA LYS A 242 -17.48 5.69 -15.16
C LYS A 242 -18.23 4.38 -15.35
N LYS A 243 -17.96 3.69 -16.45
CA LYS A 243 -18.67 2.45 -16.75
C LYS A 243 -18.43 1.38 -15.68
N LYS A 244 -17.18 1.23 -15.27
CA LYS A 244 -16.83 0.21 -14.27
C LYS A 244 -17.43 0.51 -12.90
N LEU A 245 -17.46 1.78 -12.52
CA LEU A 245 -18.09 2.17 -11.26
C LEU A 245 -19.58 1.93 -11.24
N LYS A 246 -20.24 2.24 -12.37
CA LYS A 246 -21.67 2.01 -12.48
C LYS A 246 -22.03 0.56 -12.18
N LYS A 247 -21.08 -0.34 -12.42
CA LYS A 247 -21.29 -1.77 -12.19
C LYS A 247 -20.87 -2.23 -10.80
N ALA A 248 -20.29 -1.33 -10.01
CA ALA A 248 -19.80 -1.70 -8.68
C ALA A 248 -20.94 -2.07 -7.73
N PHE A 249 -20.72 -3.10 -6.93
CA PHE A 249 -21.69 -3.50 -5.92
C PHE A 249 -21.71 -2.49 -4.79
N CYS A 250 -22.92 -2.11 -4.37
CA CYS A 250 -23.06 -1.11 -3.32
C CYS A 250 -24.48 -1.20 -2.78
N GLU A 251 -24.67 -2.03 -1.76
CA GLU A 251 -26.01 -2.30 -1.24
C GLU A 251 -26.53 -1.18 -0.34
N PRO A 252 -27.75 -0.67 -0.62
CA PRO A 252 -28.25 0.41 0.23
C PRO A 252 -28.26 0.05 1.72
N GLY A 253 -27.77 0.97 2.55
CA GLY A 253 -27.75 0.79 3.99
C GLY A 253 -26.64 -0.12 4.51
N ASN A 254 -25.91 -0.76 3.61
CA ASN A 254 -24.83 -1.70 3.97
C ASN A 254 -23.53 -0.96 4.25
N VAL A 255 -23.22 -0.82 5.54
CA VAL A 255 -21.98 -0.13 5.92
C VAL A 255 -20.82 -1.06 6.31
N GLU A 256 -21.10 -2.33 6.59
CA GLU A 256 -20.05 -3.24 7.07
C GLU A 256 -19.15 -3.77 5.97
N ASN A 257 -19.73 -3.99 4.80
CA ASN A 257 -18.99 -4.58 3.70
C ASN A 257 -19.39 -3.87 2.44
N ASN A 258 -18.62 -2.85 2.09
CA ASN A 258 -19.00 -1.94 1.04
C ASN A 258 -17.71 -1.34 0.47
N GLY A 259 -17.35 -1.79 -0.73
CA GLY A 259 -16.10 -1.38 -1.34
C GLY A 259 -16.09 0.09 -1.66
N VAL A 260 -17.25 0.64 -1.93
CA VAL A 260 -17.34 2.07 -2.26
C VAL A 260 -17.06 2.90 -1.01
N LEU A 261 -17.72 2.56 0.11
CA LEU A 261 -17.43 3.25 1.37
C LEU A 261 -15.99 3.04 1.81
N SER A 262 -15.46 1.83 1.60
CA SER A 262 -14.06 1.58 1.97
C SER A 262 -13.11 2.48 1.21
N PHE A 263 -13.39 2.69 -0.08
CA PHE A 263 -12.51 3.52 -0.89
C PHE A 263 -12.56 4.97 -0.40
N ILE A 264 -13.75 5.44 -0.03
CA ILE A 264 -13.88 6.76 0.59
C ILE A 264 -13.09 6.84 1.89
N LYS A 265 -13.28 5.84 2.75
CA LYS A 265 -12.64 5.89 4.06
C LYS A 265 -11.11 5.91 3.96
N HIS A 266 -10.57 5.07 3.08
CA HIS A 266 -9.13 4.87 3.05
C HIS A 266 -8.37 5.73 2.06
N VAL A 267 -9.07 6.25 1.05
CA VAL A 267 -8.37 6.97 -0.02
C VAL A 267 -8.86 8.40 -0.16
N LEU A 268 -10.18 8.58 -0.32
CA LEU A 268 -10.71 9.90 -0.66
C LEU A 268 -10.89 10.84 0.54
N PHE A 269 -11.46 10.34 1.62
CA PHE A 269 -11.67 11.16 2.80
C PHE A 269 -10.36 11.74 3.35
N PRO A 270 -9.29 10.92 3.41
CA PRO A 270 -8.03 11.43 3.98
C PRO A 270 -7.41 12.59 3.21
N LEU A 271 -7.73 12.77 1.93
CA LEU A 271 -7.10 13.83 1.14
C LEU A 271 -7.19 15.20 1.81
N LYS A 272 -8.37 15.57 2.30
CA LYS A 272 -8.57 16.84 2.97
C LYS A 272 -9.36 16.68 4.27
N SER A 273 -9.50 15.43 4.72
CA SER A 273 -10.29 15.13 5.91
C SER A 273 -11.74 15.59 5.73
N GLU A 274 -12.25 15.38 4.53
CA GLU A 274 -13.65 15.67 4.25
C GLU A 274 -14.07 14.87 3.04
N PHE A 275 -15.37 14.78 2.82
CA PHE A 275 -15.84 14.17 1.58
C PHE A 275 -17.16 14.80 1.18
N VAL A 276 -17.25 15.19 -0.09
CA VAL A 276 -18.45 15.84 -0.58
C VAL A 276 -19.33 14.80 -1.26
N ILE A 277 -20.56 14.67 -0.77
CA ILE A 277 -21.56 13.83 -1.43
C ILE A 277 -22.39 14.71 -2.34
N LEU A 278 -22.45 14.32 -3.61
CA LEU A 278 -23.24 14.99 -4.63
C LEU A 278 -24.63 14.38 -4.60
N ARG A 279 -25.64 15.21 -4.36
CA ARG A 279 -26.99 14.71 -4.17
C ARG A 279 -27.96 15.76 -4.71
N ASP A 280 -29.02 15.31 -5.38
CA ASP A 280 -30.03 16.26 -5.89
C ASP A 280 -30.66 17.05 -4.74
N GLU A 281 -31.07 18.29 -5.03
CA GLU A 281 -31.73 19.15 -4.04
C GLU A 281 -32.96 18.45 -3.47
N LYS A 282 -33.60 17.65 -4.31
CA LYS A 282 -34.82 16.91 -3.91
C LYS A 282 -34.61 16.08 -2.66
N TRP A 283 -33.39 15.56 -2.49
CA TRP A 283 -33.05 14.67 -1.38
C TRP A 283 -32.12 15.34 -0.35
N GLY A 284 -32.00 16.65 -0.44
CA GLY A 284 -31.29 17.42 0.55
C GLY A 284 -30.09 18.21 0.04
N GLY A 285 -29.76 18.00 -1.23
CA GLY A 285 -28.63 18.67 -1.87
C GLY A 285 -27.29 18.13 -1.43
N ASN A 286 -26.20 18.71 -1.92
CA ASN A 286 -24.87 18.23 -1.55
C ASN A 286 -24.67 18.35 -0.05
N LYS A 287 -23.82 17.48 0.49
CA LYS A 287 -23.43 17.57 1.89
C LYS A 287 -21.94 17.31 2.00
N THR A 288 -21.24 18.13 2.79
CA THR A 288 -19.83 17.93 3.04
C THR A 288 -19.63 17.28 4.41
N TYR A 289 -19.08 16.08 4.43
CA TYR A 289 -18.82 15.37 5.68
C TYR A 289 -17.42 15.67 6.17
N THR A 290 -17.30 15.95 7.46
CA THR A 290 -16.01 16.26 8.08
C THR A 290 -15.57 15.13 9.01
N ALA A 291 -16.39 14.10 9.12
CA ALA A 291 -15.98 12.88 9.83
C ALA A 291 -16.56 11.69 9.08
N TYR A 292 -15.75 10.66 8.87
CA TYR A 292 -16.22 9.49 8.14
C TYR A 292 -17.44 8.87 8.82
N VAL A 293 -17.44 8.83 10.15
CA VAL A 293 -18.55 8.18 10.86
C VAL A 293 -19.90 8.85 10.52
N ASP A 294 -19.88 10.14 10.22
CA ASP A 294 -21.11 10.85 9.85
C ASP A 294 -21.65 10.37 8.51
N LEU A 295 -20.76 10.12 7.57
CA LEU A 295 -21.17 9.57 6.27
C LEU A 295 -21.69 8.16 6.44
N GLU A 296 -20.99 7.35 7.23
CA GLU A 296 -21.45 6.00 7.54
C GLU A 296 -22.86 6.02 8.12
N LYS A 297 -23.10 6.91 9.07
CA LYS A 297 -24.42 7.00 9.68
C LYS A 297 -25.50 7.34 8.66
N ASP A 298 -25.24 8.32 7.78
CA ASP A 298 -26.23 8.69 6.77
C ASP A 298 -26.44 7.57 5.76
N PHE A 299 -25.38 6.83 5.43
CA PHE A 299 -25.54 5.73 4.49
C PHE A 299 -26.37 4.61 5.10
N ALA A 300 -26.13 4.32 6.38
CA ALA A 300 -26.91 3.31 7.10
C ALA A 300 -28.38 3.72 7.16
N ALA A 301 -28.62 5.02 7.29
CA ALA A 301 -29.97 5.56 7.39
C ALA A 301 -30.67 5.63 6.02
N GLU A 302 -29.92 5.32 4.97
CA GLU A 302 -30.42 5.30 3.60
C GLU A 302 -30.83 6.69 3.09
N VAL A 303 -30.11 7.72 3.54
CA VAL A 303 -30.33 9.06 3.01
C VAL A 303 -29.13 9.50 2.16
N VAL A 304 -28.20 8.58 1.96
CA VAL A 304 -27.22 8.69 0.88
C VAL A 304 -27.40 7.45 0.01
N HIS A 305 -27.88 7.63 -1.23
CA HIS A 305 -28.21 6.50 -2.10
C HIS A 305 -26.95 5.92 -2.72
N PRO A 306 -26.93 4.62 -3.00
CA PRO A 306 -25.75 4.03 -3.63
C PRO A 306 -25.30 4.75 -4.90
N GLY A 307 -26.25 5.15 -5.75
CA GLY A 307 -25.91 5.81 -7.00
C GLY A 307 -25.23 7.14 -6.76
N ASP A 308 -25.68 7.86 -5.74
CA ASP A 308 -25.08 9.14 -5.40
C ASP A 308 -23.71 8.92 -4.74
N LEU A 309 -23.59 7.87 -3.94
CA LEU A 309 -22.30 7.54 -3.36
C LEU A 309 -21.29 7.24 -4.48
N LYS A 310 -21.70 6.45 -5.45
CA LYS A 310 -20.82 6.09 -6.55
C LYS A 310 -20.49 7.29 -7.45
N ASN A 311 -21.48 8.14 -7.71
CA ASN A 311 -21.21 9.35 -8.48
C ASN A 311 -20.18 10.23 -7.78
N SER A 312 -20.31 10.34 -6.46
CA SER A 312 -19.39 11.18 -5.68
C SER A 312 -17.98 10.63 -5.74
N VAL A 313 -17.86 9.30 -5.67
CA VAL A 313 -16.55 8.67 -5.81
C VAL A 313 -15.98 8.83 -7.20
N GLU A 314 -16.83 8.67 -8.21
CA GLU A 314 -16.40 8.81 -9.60
C GLU A 314 -15.74 10.18 -9.84
N VAL A 315 -16.40 11.24 -9.37
CA VAL A 315 -15.86 12.58 -9.58
C VAL A 315 -14.51 12.75 -8.88
N ALA A 316 -14.43 12.32 -7.63
CA ALA A 316 -13.20 12.48 -6.86
C ALA A 316 -12.09 11.57 -7.39
N LEU A 317 -12.45 10.36 -7.79
CA LEU A 317 -11.45 9.43 -8.31
C LEU A 317 -10.88 9.95 -9.63
N ASN A 318 -11.75 10.49 -10.48
CA ASN A 318 -11.27 11.00 -11.75
C ASN A 318 -10.36 12.20 -11.56
N LYS A 319 -10.62 13.01 -10.54
CA LYS A 319 -9.71 14.09 -10.18
C LYS A 319 -8.34 13.55 -9.76
N LEU A 320 -8.34 12.46 -9.01
CA LEU A 320 -7.10 11.83 -8.58
C LEU A 320 -6.35 11.23 -9.77
N LEU A 321 -7.08 10.64 -10.70
CA LEU A 321 -6.46 9.98 -11.84
C LEU A 321 -5.99 10.94 -12.93
N ASP A 322 -6.68 12.08 -13.07
CA ASP A 322 -6.39 13.02 -14.15
C ASP A 322 -4.90 13.32 -14.37
N PRO A 323 -4.20 13.78 -13.32
CA PRO A 323 -2.79 14.11 -13.58
C PRO A 323 -1.91 12.90 -13.88
N ILE A 324 -2.30 11.72 -13.39
CA ILE A 324 -1.57 10.50 -13.69
C ILE A 324 -1.72 10.14 -15.16
N ARG A 325 -2.96 10.16 -15.64
CA ARG A 325 -3.23 9.88 -17.05
C ARG A 325 -2.49 10.89 -17.95
N GLU A 326 -2.49 12.15 -17.54
CA GLU A 326 -1.77 13.20 -18.25
C GLU A 326 -0.29 12.84 -18.41
N LYS A 327 0.35 12.57 -17.29
CA LYS A 327 1.78 12.22 -17.30
C LYS A 327 2.08 11.01 -18.15
N PHE A 328 1.25 9.97 -18.03
CA PHE A 328 1.49 8.75 -18.78
C PHE A 328 1.07 8.85 -20.25
N ASN A 329 0.63 10.03 -20.66
CA ASN A 329 0.37 10.23 -22.08
C ASN A 329 1.53 10.91 -22.79
N THR A 330 2.57 11.27 -22.02
CA THR A 330 3.80 11.77 -22.63
C THR A 330 4.48 10.63 -23.37
N PRO A 331 5.26 10.96 -24.42
CA PRO A 331 5.86 9.93 -25.27
C PRO A 331 6.64 8.88 -24.48
N ALA A 332 7.53 9.33 -23.60
CA ALA A 332 8.38 8.41 -22.84
C ALA A 332 7.58 7.41 -21.99
N LEU A 333 6.60 7.91 -21.25
CA LEU A 333 5.81 7.04 -20.37
C LEU A 333 4.77 6.23 -21.12
N LYS A 334 4.29 6.78 -22.24
CA LYS A 334 3.35 6.05 -23.08
C LYS A 334 4.07 4.82 -23.61
N LYS A 335 5.32 5.00 -24.02
CA LYS A 335 6.14 3.89 -24.49
C LYS A 335 6.40 2.89 -23.36
N LEU A 336 6.76 3.40 -22.18
CA LEU A 336 7.02 2.55 -21.03
C LEU A 336 5.81 1.68 -20.68
N ALA A 337 4.64 2.30 -20.60
CA ALA A 337 3.44 1.58 -20.20
C ALA A 337 3.10 0.41 -21.13
N SER A 338 3.23 0.61 -22.43
CA SER A 338 2.88 -0.41 -23.41
C SER A 338 3.95 -1.49 -23.50
N ALA A 339 5.21 -1.10 -23.32
CA ALA A 339 6.32 -2.04 -23.31
C ALA A 339 6.29 -2.93 -22.07
N ALA A 340 6.09 -2.32 -20.91
CA ALA A 340 6.04 -3.03 -19.64
C ALA A 340 4.93 -4.07 -19.66
N TYR A 341 3.89 -3.80 -20.45
CA TYR A 341 2.78 -4.73 -20.61
C TYR A 341 2.49 -4.93 -22.08
N PRO A 342 3.39 -5.65 -22.78
CA PRO A 342 3.36 -5.84 -24.23
C PRO A 342 2.12 -6.60 -24.68
#